data_3PVE
#
_entry.id   3PVE
#
_cell.length_a   41.620
_cell.length_b   45.580
_cell.length_c   51.510
_cell.angle_alpha   72.280
_cell.angle_beta   68.530
_cell.angle_gamma   65.440
#
_symmetry.space_group_name_H-M   'P 1'
#
loop_
_entity.id
_entity.type
_entity.pdbx_description
1 polymer 'Agrin, Agrin protein'
2 water water
#
_entity_poly.entity_id   1
_entity_poly.type   'polypeptide(L)'
_entity_poly.pdbx_seq_one_letter_code
;SLENAGSRPFLADFNGFSYLELKGLHTFERDLGEKMALEMVFLARGPSGLLLYNGQKTDGKGDFVSLALHNRHLEFRYDL
GKGAAIIRSKEPIALGTWVRVFLERNGRKGALQVGDGPRVLGESPVPHTMLNLKEPLYVGGAPDFSKLARGAAVASGFDG
AIQLVSLRGHQLLTQEHVLRAVDVAPFAG
;
_entity_poly.pdbx_strand_id   A,B
#
# COMPACT_ATOMS: atom_id res chain seq x y z
N SER A 7 -0.65 -18.35 0.24
CA SER A 7 -0.34 -16.89 0.12
C SER A 7 -1.59 -16.01 0.30
N ARG A 8 -2.61 -16.52 0.98
CA ARG A 8 -3.80 -15.72 1.27
C ARG A 8 -3.46 -14.59 2.24
N PRO A 9 -3.72 -13.35 1.82
CA PRO A 9 -3.56 -12.23 2.74
C PRO A 9 -4.61 -12.30 3.82
N PHE A 10 -4.35 -11.63 4.91
CA PHE A 10 -5.35 -11.51 5.96
C PHE A 10 -5.24 -10.12 6.54
N LEU A 11 -6.42 -9.57 6.79
CA LEU A 11 -6.59 -8.24 7.36
C LEU A 11 -6.65 -8.42 8.89
N ALA A 12 -5.54 -8.18 9.58
CA ALA A 12 -5.36 -8.61 10.98
C ALA A 12 -5.91 -7.55 11.95
N ASP A 13 -6.68 -7.98 12.93
CA ASP A 13 -7.24 -7.07 13.94
C ASP A 13 -6.60 -7.36 15.31
N PHE A 14 -6.06 -6.31 15.94
CA PHE A 14 -5.32 -6.38 17.21
C PHE A 14 -6.10 -5.62 18.28
N ASN A 15 -6.10 -6.16 19.49
CA ASN A 15 -6.90 -5.57 20.54
C ASN A 15 -6.12 -4.94 21.68
N GLY A 16 -4.81 -4.75 21.50
CA GLY A 16 -3.95 -4.24 22.55
C GLY A 16 -3.07 -5.25 23.26
N PHE A 17 -3.56 -6.47 23.40
CA PHE A 17 -2.80 -7.57 23.98
C PHE A 17 -2.57 -8.64 22.92
N SER A 18 -2.70 -8.28 21.65
CA SER A 18 -2.50 -9.18 20.53
C SER A 18 -1.14 -9.02 19.91
N TYR A 19 -0.67 -10.04 19.17
CA TYR A 19 0.53 -9.86 18.35
C TYR A 19 0.61 -10.95 17.31
N LEU A 20 1.29 -10.63 16.20
CA LEU A 20 1.77 -11.59 15.24
C LEU A 20 3.27 -11.70 15.33
N GLU A 21 3.74 -12.95 15.24
CA GLU A 21 5.15 -13.23 15.17
C GLU A 21 5.42 -13.82 13.80
N LEU A 22 6.33 -13.19 13.06
CA LEU A 22 6.75 -13.60 11.75
C LEU A 22 8.25 -13.89 11.81
N LYS A 23 8.77 -14.53 10.78
CA LYS A 23 10.24 -14.61 10.69
C LYS A 23 10.83 -13.21 10.63
N GLY A 24 12.05 -13.04 11.16
CA GLY A 24 12.64 -11.74 11.26
C GLY A 24 12.92 -11.12 9.93
N LEU A 25 13.04 -9.80 9.96
CA LEU A 25 13.27 -9.02 8.77
C LEU A 25 14.49 -9.48 7.98
N HIS A 26 15.51 -9.96 8.68
CA HIS A 26 16.72 -10.54 8.07
C HIS A 26 16.41 -11.65 7.05
N THR A 27 15.27 -12.34 7.22
CA THR A 27 14.85 -13.46 6.35
C THR A 27 14.53 -13.05 4.93
N PHE A 28 14.10 -11.80 4.79
CA PHE A 28 13.54 -11.30 3.53
C PHE A 28 14.50 -10.28 2.93
N MET A 36 16.76 -0.06 3.67
CA MET A 36 15.52 -0.63 4.19
C MET A 36 14.35 0.21 3.73
N ALA A 37 13.32 -0.42 3.19
CA ALA A 37 12.07 0.25 2.86
C ALA A 37 10.90 -0.61 3.32
N LEU A 38 10.08 -0.06 4.20
CA LEU A 38 8.95 -0.78 4.74
C LEU A 38 7.71 0.07 4.60
N GLU A 39 6.61 -0.58 4.22
CA GLU A 39 5.31 0.09 4.18
C GLU A 39 4.33 -0.68 5.06
N MET A 40 3.51 0.07 5.78
CA MET A 40 2.39 -0.49 6.53
CA MET A 40 2.40 -0.49 6.51
C MET A 40 1.13 0.30 6.22
N VAL A 41 -0.01 -0.41 6.12
CA VAL A 41 -1.32 0.20 6.00
C VAL A 41 -2.13 -0.27 7.20
N PHE A 42 -2.69 0.65 7.95
CA PHE A 42 -3.36 0.29 9.23
C PHE A 42 -4.48 1.27 9.54
N LEU A 43 -5.37 0.87 10.43
CA LEU A 43 -6.41 1.74 10.94
C LEU A 43 -6.38 1.63 12.46
N ALA A 44 -6.25 2.75 13.17
CA ALA A 44 -6.01 2.75 14.62
C ALA A 44 -7.28 3.11 15.32
N ARG A 45 -7.63 2.33 16.34
CA ARG A 45 -8.73 2.64 17.25
C ARG A 45 -8.24 3.28 18.56
N GLY A 46 -7.02 2.96 18.93
CA GLY A 46 -6.34 3.52 20.11
C GLY A 46 -5.18 4.39 19.66
N PRO A 47 -4.90 5.49 20.37
CA PRO A 47 -3.88 6.42 19.94
C PRO A 47 -2.41 5.98 20.18
N SER A 48 -2.17 4.95 20.99
CA SER A 48 -0.80 4.53 21.28
C SER A 48 -0.66 3.02 21.21
N GLY A 49 0.51 2.57 20.78
CA GLY A 49 0.83 1.15 20.86
C GLY A 49 1.84 0.76 19.80
N LEU A 50 2.39 -0.44 20.00
CA LEU A 50 3.44 -0.97 19.14
C LEU A 50 2.88 -1.49 17.83
N LEU A 51 3.49 -1.09 16.71
CA LEU A 51 3.06 -1.54 15.36
C LEU A 51 4.02 -2.57 14.81
N LEU A 52 5.33 -2.33 14.95
CA LEU A 52 6.34 -3.23 14.38
C LEU A 52 7.57 -3.21 15.31
N TYR A 53 8.17 -4.36 15.53
CA TYR A 53 9.44 -4.42 16.28
C TYR A 53 10.29 -5.57 15.79
N ASN A 54 11.61 -5.35 15.64
CA ASN A 54 12.52 -6.44 15.36
C ASN A 54 13.84 -6.08 16.04
N GLY A 55 14.36 -7.01 16.83
CA GLY A 55 15.58 -6.80 17.57
C GLY A 55 16.71 -7.78 17.33
N GLN A 56 17.79 -7.53 18.05
CA GLN A 56 18.99 -8.33 18.02
C GLN A 56 18.96 -9.37 19.13
N LYS A 57 18.62 -8.91 20.34
CA LYS A 57 18.69 -9.73 21.59
C LYS A 57 17.50 -9.40 22.51
N THR A 58 17.55 -9.85 23.78
CA THR A 58 16.43 -9.68 24.71
C THR A 58 16.83 -9.19 26.10
N GLY A 60 17.12 -5.89 26.90
CA GLY A 60 16.81 -4.48 27.03
C GLY A 60 17.70 -3.54 26.20
N LYS A 61 18.79 -4.12 25.65
CA LYS A 61 19.70 -3.45 24.72
C LYS A 61 19.83 -4.19 23.36
N GLY A 62 20.94 -3.97 22.67
CA GLY A 62 21.20 -4.46 21.33
C GLY A 62 20.44 -3.66 20.29
N ASP A 63 20.80 -3.88 19.03
CA ASP A 63 20.16 -3.22 17.89
C ASP A 63 18.65 -3.53 17.81
N PHE A 64 17.88 -2.61 17.21
CA PHE A 64 16.47 -2.85 16.96
C PHE A 64 15.96 -1.82 15.97
N VAL A 65 14.79 -2.11 15.38
CA VAL A 65 14.02 -1.20 14.58
C VAL A 65 12.59 -1.31 15.12
N SER A 66 11.90 -0.20 15.25
CA SER A 66 10.54 -0.21 15.69
C SER A 66 9.69 0.86 15.00
N LEU A 67 8.39 0.62 15.00
CA LEU A 67 7.38 1.61 14.63
C LEU A 67 6.29 1.50 15.69
N ALA A 68 5.78 2.65 16.11
CA ALA A 68 4.78 2.68 17.15
C ALA A 68 3.96 3.92 17.05
N LEU A 69 2.78 3.89 17.66
CA LEU A 69 1.93 5.08 17.81
C LEU A 69 2.16 5.63 19.20
N HIS A 70 2.28 6.95 19.32
CA HIS A 70 2.38 7.62 20.61
CA HIS A 70 2.37 7.63 20.62
C HIS A 70 1.50 8.86 20.49
N ASN A 71 0.37 8.81 21.21
CA ASN A 71 -0.67 9.83 21.16
CA ASN A 71 -0.59 9.88 21.17
C ASN A 71 -0.94 10.34 19.75
N ARG A 72 -1.24 9.37 18.89
CA ARG A 72 -1.60 9.54 17.48
C ARG A 72 -0.46 9.89 16.55
N HIS A 73 0.75 10.03 17.07
CA HIS A 73 1.92 10.19 16.23
C HIS A 73 2.58 8.88 15.95
N LEU A 74 2.94 8.66 14.69
CA LEU A 74 3.83 7.55 14.34
C LEU A 74 5.24 7.89 14.78
N GLU A 75 5.95 6.91 15.33
CA GLU A 75 7.33 7.11 15.66
C GLU A 75 8.15 5.92 15.18
N PHE A 76 9.17 6.19 14.37
CA PHE A 76 10.08 5.23 13.77
C PHE A 76 11.38 5.37 14.52
N ARG A 77 11.85 4.27 15.07
CA ARG A 77 13.08 4.27 15.85
C ARG A 77 13.98 3.16 15.37
N TYR A 78 15.27 3.37 15.49
CA TYR A 78 16.23 2.28 15.31
C TYR A 78 17.51 2.60 16.07
N ASP A 79 18.21 1.56 16.51
CA ASP A 79 19.52 1.69 17.17
C ASP A 79 20.43 0.71 16.48
N LEU A 80 21.53 1.24 15.94
CA LEU A 80 22.54 0.51 15.16
C LEU A 80 23.81 0.24 15.98
N GLY A 81 23.72 0.51 17.27
CA GLY A 81 24.83 0.34 18.20
C GLY A 81 25.31 1.56 18.97
N LYS A 82 24.82 2.75 18.64
CA LYS A 82 25.24 4.01 19.29
C LYS A 82 24.08 4.83 19.81
N GLY A 83 22.92 4.20 19.96
CA GLY A 83 21.72 4.90 20.42
C GLY A 83 20.68 5.08 19.33
N ALA A 84 19.47 5.42 19.76
CA ALA A 84 18.31 5.38 18.88
C ALA A 84 18.10 6.68 18.12
N ALA A 85 17.88 6.56 16.80
CA ALA A 85 17.15 7.56 16.01
C ALA A 85 15.70 7.57 16.49
N ILE A 86 15.08 8.75 16.54
CA ILE A 86 13.66 8.94 16.89
C ILE A 86 13.08 9.88 15.81
N ILE A 87 12.25 9.35 14.93
CA ILE A 87 11.67 10.06 13.82
C ILE A 87 10.16 10.02 13.98
N ARG A 88 9.55 11.16 14.23
CA ARG A 88 8.15 11.27 14.62
C ARG A 88 7.35 11.99 13.53
N SER A 89 6.15 11.46 13.28
CA SER A 89 5.32 12.08 12.25
C SER A 89 5.04 13.54 12.61
N LYS A 90 4.95 14.37 11.58
CA LYS A 90 4.69 15.76 11.78
C LYS A 90 3.27 15.92 12.38
N GLU A 91 2.30 15.26 11.77
CA GLU A 91 0.90 15.35 12.21
C GLU A 91 0.48 14.15 13.02
N PRO A 92 -0.51 14.33 13.90
CA PRO A 92 -1.19 13.17 14.46
C PRO A 92 -2.11 12.53 13.42
N ILE A 93 -2.26 11.22 13.47
CA ILE A 93 -3.20 10.54 12.58
C ILE A 93 -4.62 10.73 13.11
N ALA A 94 -5.58 10.59 12.22
CA ALA A 94 -7.01 10.48 12.60
C ALA A 94 -7.34 9.02 12.92
N LEU A 95 -7.78 8.77 14.15
CA LEU A 95 -8.26 7.46 14.49
C LEU A 95 -9.45 7.03 13.64
N GLY A 96 -9.56 5.75 13.37
CA GLY A 96 -10.70 5.24 12.62
C GLY A 96 -10.62 5.43 11.13
N THR A 97 -9.42 5.74 10.65
CA THR A 97 -9.17 5.92 9.23
C THR A 97 -7.99 5.04 8.79
N TRP A 98 -7.93 4.76 7.50
CA TRP A 98 -6.83 3.99 6.95
C TRP A 98 -5.64 4.91 6.64
N VAL A 99 -4.48 4.56 7.19
CA VAL A 99 -3.27 5.35 7.10
C VAL A 99 -2.21 4.51 6.41
N ARG A 100 -1.44 5.12 5.53
CA ARG A 100 -0.32 4.49 4.89
C ARG A 100 0.94 5.16 5.41
N VAL A 101 1.88 4.35 5.84
CA VAL A 101 3.13 4.87 6.37
C VAL A 101 4.28 4.17 5.66
N PHE A 102 5.31 4.96 5.30
CA PHE A 102 6.50 4.48 4.68
C PHE A 102 7.72 4.80 5.53
N LEU A 103 8.55 3.80 5.77
CA LEU A 103 9.79 3.94 6.50
C LEU A 103 10.95 3.65 5.58
N GLU A 104 11.99 4.48 5.65
CA GLU A 104 13.19 4.22 4.86
C GLU A 104 14.40 4.40 5.78
N ARG A 105 15.40 3.56 5.58
CA ARG A 105 16.68 3.78 6.21
C ARG A 105 17.80 3.43 5.26
N ASN A 106 18.79 4.31 5.20
CA ASN A 106 20.03 4.10 4.44
C ASN A 106 21.16 4.39 5.43
N GLY A 107 21.78 3.34 5.92
CA GLY A 107 22.74 3.50 7.03
C GLY A 107 22.16 4.18 8.27
N ARG A 108 22.75 5.30 8.69
CA ARG A 108 22.24 6.06 9.86
C ARG A 108 21.00 6.87 9.53
N LYS A 109 20.79 7.15 8.24
CA LYS A 109 19.81 8.15 7.82
C LYS A 109 18.45 7.53 7.60
N GLY A 110 17.42 8.14 8.17
CA GLY A 110 16.08 7.57 8.11
C GLY A 110 15.05 8.57 7.68
N ALA A 111 13.91 8.08 7.20
CA ALA A 111 12.80 8.91 6.77
C ALA A 111 11.49 8.20 7.07
N LEU A 112 10.53 9.00 7.50
CA LEU A 112 9.16 8.57 7.78
CA LEU A 112 9.16 8.57 7.77
C LEU A 112 8.25 9.43 6.92
N GLN A 113 7.32 8.79 6.19
CA GLN A 113 6.33 9.50 5.41
C GLN A 113 4.95 8.93 5.68
N VAL A 114 4.00 9.78 6.00
CA VAL A 114 2.63 9.35 6.24
C VAL A 114 1.75 9.86 5.10
N GLY A 115 1.02 8.94 4.48
CA GLY A 115 0.22 9.25 3.30
C GLY A 115 1.06 9.90 2.23
N ASP A 116 0.58 11.06 1.76
CA ASP A 116 1.21 11.83 0.71
C ASP A 116 2.00 13.00 1.28
N GLY A 117 2.14 13.05 2.62
CA GLY A 117 2.78 14.17 3.29
C GLY A 117 4.28 14.23 3.06
N PRO A 118 4.91 15.37 3.38
CA PRO A 118 6.37 15.45 3.28
C PRO A 118 7.09 14.44 4.17
N ARG A 119 8.26 13.99 3.73
CA ARG A 119 9.08 13.10 4.52
C ARG A 119 9.61 13.80 5.76
N VAL A 120 9.58 13.12 6.89
CA VAL A 120 10.30 13.59 8.08
C VAL A 120 11.62 12.85 8.17
N LEU A 121 12.72 13.57 8.30
CA LEU A 121 14.05 12.95 8.29
C LEU A 121 14.69 12.95 9.68
N GLY A 122 15.56 11.96 9.91
CA GLY A 122 16.33 11.90 11.17
C GLY A 122 17.48 10.95 10.99
N GLU A 123 18.24 10.76 12.05
CA GLU A 123 19.42 9.88 12.03
C GLU A 123 19.88 9.42 13.43
N SER A 124 20.48 8.24 13.44
CA SER A 124 21.08 7.72 14.64
C SER A 124 22.53 8.27 14.71
N PRO A 125 23.16 8.24 15.90
CA PRO A 125 24.48 8.85 16.08
C PRO A 125 25.62 8.15 15.38
N VAL A 126 26.61 8.96 15.05
CA VAL A 126 27.84 8.49 14.45
CA VAL A 126 27.85 8.51 14.44
C VAL A 126 28.71 7.60 15.31
N PRO A 127 28.98 6.40 14.75
CA PRO A 127 29.71 6.04 13.57
C PRO A 127 28.83 4.89 12.98
N HIS A 128 28.08 4.21 13.84
CA HIS A 128 27.42 2.94 13.46
C HIS A 128 26.38 3.15 12.33
N THR A 129 26.43 2.30 11.32
CA THR A 129 25.55 2.43 10.13
C THR A 129 24.74 1.19 9.84
N MET A 130 24.98 0.09 10.57
CA MET A 130 24.43 -1.20 10.19
CA MET A 130 24.43 -1.20 10.20
C MET A 130 23.63 -1.83 11.32
N LEU A 131 22.48 -2.39 10.95
CA LEU A 131 21.50 -2.99 11.86
C LEU A 131 21.65 -4.50 11.92
N ASN A 132 21.85 -5.04 13.12
CA ASN A 132 22.05 -6.47 13.28
C ASN A 132 20.81 -7.09 13.89
N LEU A 133 19.93 -7.60 13.04
CA LEU A 133 18.69 -8.24 13.52
C LEU A 133 18.82 -9.77 13.55
N LYS A 134 18.37 -10.37 14.65
CA LYS A 134 18.42 -11.82 14.87
C LYS A 134 17.08 -12.42 15.34
N GLU A 135 16.25 -11.61 15.98
CA GLU A 135 15.03 -12.06 16.67
C GLU A 135 13.86 -12.08 15.67
N PRO A 136 12.69 -12.63 16.06
CA PRO A 136 11.56 -12.62 15.12
C PRO A 136 11.04 -11.20 14.94
N LEU A 137 10.24 -11.04 13.90
CA LEU A 137 9.54 -9.80 13.68
C LEU A 137 8.20 -9.84 14.41
N TYR A 138 7.91 -8.82 15.18
CA TYR A 138 6.66 -8.70 15.91
C TYR A 138 5.83 -7.60 15.23
N VAL A 139 4.56 -7.90 14.99
CA VAL A 139 3.64 -6.94 14.37
C VAL A 139 2.43 -6.80 15.31
N GLY A 140 2.08 -5.57 15.60
CA GLY A 140 0.84 -5.26 16.35
C GLY A 140 0.98 -5.33 17.86
N GLY A 141 2.13 -5.78 18.37
CA GLY A 141 2.36 -5.98 19.80
C GLY A 141 3.52 -6.92 19.99
N ALA A 142 3.69 -7.46 21.19
CA ALA A 142 4.78 -8.38 21.47
C ALA A 142 4.40 -9.24 22.65
N PRO A 143 5.03 -10.41 22.77
CA PRO A 143 4.66 -11.27 23.89
C PRO A 143 5.09 -10.78 25.28
N ASP A 144 6.16 -9.99 25.36
CA ASP A 144 6.73 -9.57 26.64
C ASP A 144 7.45 -8.26 26.44
N PHE A 145 6.84 -7.18 26.88
CA PHE A 145 7.39 -5.86 26.65
C PHE A 145 8.69 -5.63 27.40
N SER A 146 8.98 -6.48 28.41
CA SER A 146 10.25 -6.41 29.15
C SER A 146 11.48 -6.95 28.38
N LYS A 147 11.24 -7.68 27.29
CA LYS A 147 12.30 -8.23 26.48
C LYS A 147 12.63 -7.29 25.30
N LEU A 148 11.88 -6.21 25.14
CA LEU A 148 12.13 -5.29 24.01
C LEU A 148 13.15 -4.24 24.42
N ALA A 149 13.92 -3.74 23.46
CA ALA A 149 14.90 -2.69 23.70
C ALA A 149 14.26 -1.50 24.41
N ARG A 150 14.94 -0.98 25.45
CA ARG A 150 14.40 0.17 26.17
C ARG A 150 14.25 1.37 25.28
N GLY A 151 15.14 1.47 24.30
CA GLY A 151 15.18 2.59 23.39
C GLY A 151 13.99 2.66 22.44
N ALA A 152 13.21 1.59 22.34
CA ALA A 152 12.00 1.58 21.49
C ALA A 152 10.89 2.40 22.14
N ALA A 153 10.98 2.58 23.46
CA ALA A 153 10.02 3.39 24.19
C ALA A 153 8.57 2.95 24.02
N VAL A 154 8.34 1.65 24.09
CA VAL A 154 6.96 1.13 23.91
C VAL A 154 6.59 0.28 25.11
N ALA A 155 5.30 0.28 25.46
CA ALA A 155 4.83 -0.48 26.63
C ALA A 155 3.52 -1.20 26.40
N SER A 156 2.96 -1.09 25.20
CA SER A 156 1.64 -1.68 24.89
C SER A 156 1.53 -2.03 23.43
N GLY A 157 0.59 -2.92 23.12
CA GLY A 157 0.28 -3.27 21.73
C GLY A 157 -0.72 -2.35 21.08
N PHE A 158 -0.89 -2.59 19.79
CA PHE A 158 -1.77 -1.83 18.92
C PHE A 158 -3.22 -2.23 19.11
N ASP A 159 -4.11 -1.25 19.15
CA ASP A 159 -5.55 -1.49 19.06
C ASP A 159 -6.02 -0.97 17.70
N GLY A 160 -6.21 -1.88 16.79
CA GLY A 160 -6.60 -1.54 15.45
C GLY A 160 -6.35 -2.66 14.47
N ALA A 161 -6.47 -2.36 13.16
CA ALA A 161 -6.27 -3.35 12.11
C ALA A 161 -5.08 -3.00 11.26
N ILE A 162 -4.42 -4.05 10.75
CA ILE A 162 -3.30 -3.89 9.82
C ILE A 162 -3.66 -4.65 8.53
N GLN A 163 -3.61 -3.94 7.40
CA GLN A 163 -3.92 -4.53 6.09
C GLN A 163 -2.66 -4.95 5.32
N LEU A 164 -1.53 -4.29 5.54
CA LEU A 164 -0.35 -4.53 4.73
C LEU A 164 0.90 -4.32 5.56
N VAL A 165 1.86 -5.24 5.41
CA VAL A 165 3.20 -5.00 5.91
C VAL A 165 4.14 -5.47 4.83
N SER A 166 4.90 -4.56 4.26
CA SER A 166 5.84 -4.99 3.25
C SER A 166 7.24 -4.54 3.49
N LEU A 167 8.17 -5.36 3.02
CA LEU A 167 9.57 -5.06 3.11
C LEU A 167 10.06 -5.07 1.67
N ARG A 168 10.58 -3.92 1.25
CA ARG A 168 11.08 -3.75 -0.13
C ARG A 168 10.10 -4.30 -1.17
N GLY A 169 8.83 -4.03 -0.95
CA GLY A 169 7.79 -4.47 -1.88
C GLY A 169 7.26 -5.89 -1.75
N HIS A 170 7.88 -6.70 -0.90
CA HIS A 170 7.44 -8.06 -0.63
C HIS A 170 6.44 -8.05 0.51
N GLN A 171 5.30 -8.68 0.30
CA GLN A 171 4.22 -8.63 1.24
C GLN A 171 4.35 -9.70 2.30
N LEU A 172 4.42 -9.28 3.58
CA LEU A 172 4.61 -10.18 4.71
C LEU A 172 3.34 -10.63 5.40
N LEU A 173 2.25 -9.90 5.23
CA LEU A 173 1.00 -10.23 5.94
C LEU A 173 0.15 -11.23 5.15
N THR A 174 0.65 -12.46 5.08
CA THR A 174 -0.02 -13.58 4.46
C THR A 174 0.12 -14.79 5.36
N GLN A 175 -0.82 -15.72 5.23
CA GLN A 175 -0.93 -16.85 6.14
C GLN A 175 0.39 -17.62 6.21
N GLU A 176 1.07 -17.74 5.07
CA GLU A 176 2.34 -18.50 4.96
C GLU A 176 3.44 -18.00 5.90
N HIS A 177 3.44 -16.68 6.16
CA HIS A 177 4.48 -16.02 6.96
C HIS A 177 4.30 -16.12 8.48
N VAL A 178 3.12 -16.52 8.96
CA VAL A 178 2.85 -16.41 10.40
C VAL A 178 3.39 -17.59 11.20
N LEU A 179 4.31 -17.29 12.11
CA LEU A 179 4.84 -18.25 13.09
C LEU A 179 3.84 -18.45 14.22
N ARG A 180 3.26 -17.33 14.68
CA ARG A 180 2.30 -17.34 15.78
C ARG A 180 1.41 -16.12 15.67
N ALA A 181 0.13 -16.30 16.00
CA ALA A 181 -0.85 -15.21 16.06
C ALA A 181 -1.59 -15.35 17.37
N VAL A 182 -1.46 -14.36 18.24
CA VAL A 182 -2.05 -14.42 19.58
C VAL A 182 -3.14 -13.36 19.63
N ASP A 183 -4.36 -13.80 19.82
CA ASP A 183 -5.53 -12.93 19.93
C ASP A 183 -5.66 -11.97 18.73
N VAL A 184 -5.31 -12.47 17.56
CA VAL A 184 -5.51 -11.74 16.33
C VAL A 184 -6.78 -12.25 15.66
N ALA A 185 -7.68 -11.34 15.28
CA ALA A 185 -8.93 -11.70 14.59
C ALA A 185 -8.92 -11.14 13.17
N PRO A 186 -9.77 -11.69 12.28
CA PRO A 186 -10.02 -10.99 11.00
C PRO A 186 -10.80 -9.72 11.30
N PHE A 187 -10.39 -8.61 10.68
CA PHE A 187 -11.07 -7.32 10.88
C PHE A 187 -12.49 -7.40 10.34
N ALA A 188 -13.45 -6.92 11.12
CA ALA A 188 -14.86 -6.93 10.71
C ALA A 188 -15.38 -5.51 10.48
N GLY A 189 -15.28 -4.68 11.53
CA GLY A 189 -15.91 -3.35 11.54
C GLY A 189 -15.28 -2.35 10.60
N SER B 7 -17.44 0.36 5.12
CA SER B 7 -17.47 -1.09 5.42
C SER B 7 -16.07 -1.72 5.38
N ARG B 8 -16.00 -3.02 5.63
CA ARG B 8 -14.76 -3.76 5.65
C ARG B 8 -14.14 -3.89 4.24
N PRO B 9 -12.83 -3.59 4.09
CA PRO B 9 -12.25 -3.87 2.78
C PRO B 9 -12.30 -5.35 2.50
N PHE B 10 -12.57 -5.72 1.25
CA PHE B 10 -12.64 -7.11 0.85
C PHE B 10 -11.61 -7.42 -0.25
N LEU B 11 -11.23 -8.69 -0.31
CA LEU B 11 -10.35 -9.25 -1.35
C LEU B 11 -11.26 -9.67 -2.51
N ALA B 12 -10.82 -9.43 -3.75
CA ALA B 12 -11.68 -9.68 -4.92
C ALA B 12 -10.89 -10.52 -5.94
N ASP B 13 -11.49 -11.61 -6.41
CA ASP B 13 -10.86 -12.48 -7.39
C ASP B 13 -11.55 -12.33 -8.72
N PHE B 14 -10.76 -12.13 -9.77
CA PHE B 14 -11.26 -11.86 -11.12
C PHE B 14 -10.81 -12.95 -12.07
N ASN B 15 -11.66 -13.29 -13.05
CA ASN B 15 -11.36 -14.43 -13.93
CA ASN B 15 -11.41 -14.44 -13.92
C ASN B 15 -11.15 -14.07 -15.38
N GLY B 16 -11.12 -12.77 -15.70
CA GLY B 16 -10.92 -12.32 -17.07
C GLY B 16 -12.14 -11.70 -17.72
N PHE B 17 -13.32 -12.16 -17.33
CA PHE B 17 -14.58 -11.57 -17.77
C PHE B 17 -15.34 -11.03 -16.54
N SER B 18 -14.60 -10.72 -15.48
CA SER B 18 -15.15 -10.21 -14.25
C SER B 18 -14.91 -8.70 -14.18
N TYR B 19 -15.72 -8.02 -13.40
CA TYR B 19 -15.43 -6.64 -13.07
C TYR B 19 -16.21 -6.19 -11.84
N LEU B 20 -15.66 -5.17 -11.17
CA LEU B 20 -16.38 -4.39 -10.22
C LEU B 20 -16.66 -3.05 -10.83
N GLU B 21 -17.88 -2.58 -10.65
CA GLU B 21 -18.29 -1.26 -11.07
CA GLU B 21 -18.30 -1.26 -11.07
C GLU B 21 -18.55 -0.52 -9.79
N LEU B 22 -17.76 0.52 -9.54
CA LEU B 22 -17.79 1.26 -8.31
CA LEU B 22 -17.80 1.27 -8.31
C LEU B 22 -18.19 2.71 -8.60
N LYS B 23 -18.61 3.45 -7.59
CA LYS B 23 -18.77 4.88 -7.75
CA LYS B 23 -18.79 4.86 -7.78
C LYS B 23 -17.43 5.46 -8.22
N GLY B 24 -17.50 6.54 -9.02
CA GLY B 24 -16.34 7.04 -9.71
C GLY B 24 -15.35 7.68 -8.81
N LEU B 25 -14.12 7.79 -9.31
CA LEU B 25 -13.03 8.33 -8.53
C LEU B 25 -13.28 9.75 -8.00
N HIS B 26 -14.05 10.51 -8.75
CA HIS B 26 -14.50 11.85 -8.36
C HIS B 26 -15.28 11.86 -7.01
N THR B 27 -15.86 10.72 -6.65
CA THR B 27 -16.60 10.57 -5.40
C THR B 27 -15.70 10.65 -4.18
N PHE B 28 -14.41 10.33 -4.38
CA PHE B 28 -13.47 10.11 -3.29
C PHE B 28 -12.39 11.20 -3.25
N LYS B 35 -4.99 16.17 -9.15
CA LYS B 35 -4.13 15.35 -8.30
C LYS B 35 -4.68 13.94 -8.06
N MET B 36 -3.78 12.96 -7.97
CA MET B 36 -4.12 11.57 -7.64
C MET B 36 -2.94 10.88 -6.94
N ALA B 37 -3.25 10.07 -5.91
CA ALA B 37 -2.30 9.15 -5.32
C ALA B 37 -3.10 7.88 -5.05
N LEU B 38 -2.90 6.86 -5.90
CA LEU B 38 -3.65 5.61 -5.79
C LEU B 38 -2.73 4.40 -5.61
N GLU B 39 -3.15 3.52 -4.73
CA GLU B 39 -2.42 2.31 -4.45
C GLU B 39 -3.25 1.08 -4.67
N MET B 40 -2.61 0.06 -5.23
CA MET B 40 -3.26 -1.22 -5.44
C MET B 40 -2.27 -2.31 -5.04
N VAL B 41 -2.80 -3.39 -4.49
CA VAL B 41 -2.02 -4.62 -4.22
C VAL B 41 -2.79 -5.76 -4.88
N PHE B 42 -2.08 -6.53 -5.69
CA PHE B 42 -2.73 -7.56 -6.51
C PHE B 42 -1.82 -8.74 -6.76
N LEU B 43 -2.40 -9.84 -7.22
CA LEU B 43 -1.66 -11.05 -7.57
C LEU B 43 -2.18 -11.47 -8.94
N ALA B 44 -1.30 -11.57 -9.95
CA ALA B 44 -1.74 -11.81 -11.34
C ALA B 44 -1.51 -13.27 -11.69
N ARG B 45 -2.53 -13.92 -12.23
CA ARG B 45 -2.37 -15.24 -12.84
C ARG B 45 -2.18 -15.19 -14.37
N GLY B 46 -2.74 -14.17 -15.02
CA GLY B 46 -2.54 -13.93 -16.46
C GLY B 46 -1.70 -12.68 -16.64
N PRO B 47 -0.90 -12.62 -17.71
CA PRO B 47 0.01 -11.52 -17.93
C PRO B 47 -0.58 -10.21 -18.42
N SER B 48 -1.80 -10.20 -18.92
CA SER B 48 -2.39 -8.96 -19.43
C SER B 48 -3.81 -8.82 -18.97
N GLY B 49 -4.27 -7.57 -18.91
CA GLY B 49 -5.66 -7.25 -18.62
C GLY B 49 -5.82 -5.98 -17.84
N LEU B 50 -7.05 -5.50 -17.79
CA LEU B 50 -7.38 -4.19 -17.23
C LEU B 50 -7.46 -4.32 -15.72
N LEU B 51 -6.79 -3.41 -15.01
CA LEU B 51 -6.84 -3.39 -13.53
C LEU B 51 -7.76 -2.28 -13.04
N LEU B 52 -7.69 -1.10 -13.62
CA LEU B 52 -8.49 0.04 -13.21
C LEU B 52 -8.79 0.93 -14.41
N TYR B 53 -10.02 1.45 -14.51
CA TYR B 53 -10.38 2.43 -15.51
C TYR B 53 -11.44 3.37 -15.03
N ASN B 54 -11.27 4.66 -15.27
CA ASN B 54 -12.34 5.64 -15.07
C ASN B 54 -12.26 6.67 -16.17
N GLY B 55 -13.41 6.97 -16.76
CA GLY B 55 -13.51 7.84 -17.96
C GLY B 55 -14.51 8.99 -17.81
N GLN B 56 -14.53 9.82 -18.86
CA GLN B 56 -15.43 10.96 -18.99
C GLN B 56 -16.70 10.54 -19.73
N LYS B 57 -16.56 9.74 -20.78
CA LYS B 57 -17.68 9.38 -21.66
C LYS B 57 -17.43 8.05 -22.39
N THR B 58 -18.38 7.59 -23.21
CA THR B 58 -18.35 6.21 -23.69
C THR B 58 -18.21 6.07 -25.21
N ASP B 59 -17.71 7.12 -25.85
CA ASP B 59 -17.70 7.18 -27.32
C ASP B 59 -16.34 6.82 -27.92
N GLY B 60 -15.39 6.38 -27.07
CA GLY B 60 -14.04 6.04 -27.53
C GLY B 60 -13.02 7.14 -27.34
N LYS B 61 -13.49 8.33 -26.99
CA LYS B 61 -12.66 9.51 -26.74
C LYS B 61 -12.93 10.02 -25.30
N GLY B 62 -12.47 11.22 -25.00
CA GLY B 62 -12.69 11.83 -23.69
C GLY B 62 -11.57 11.48 -22.72
N ASP B 63 -11.56 12.21 -21.62
CA ASP B 63 -10.56 12.07 -20.59
C ASP B 63 -10.70 10.69 -19.97
N PHE B 64 -9.61 10.16 -19.44
CA PHE B 64 -9.64 8.88 -18.73
C PHE B 64 -8.34 8.70 -17.95
N VAL B 65 -8.40 7.74 -17.04
CA VAL B 65 -7.22 7.26 -16.28
C VAL B 65 -7.36 5.75 -16.30
N SER B 66 -6.28 5.05 -16.51
CA SER B 66 -6.29 3.63 -16.49
C SER B 66 -5.00 3.01 -15.92
N LEU B 67 -5.13 1.78 -15.46
CA LEU B 67 -4.00 0.93 -15.07
C LEU B 67 -4.28 -0.46 -15.65
N ALA B 68 -3.29 -1.03 -16.30
CA ALA B 68 -3.45 -2.33 -16.94
C ALA B 68 -2.14 -3.11 -16.89
N LEU B 69 -2.26 -4.41 -17.04
CA LEU B 69 -1.13 -5.28 -17.28
C LEU B 69 -1.03 -5.52 -18.77
N HIS B 70 0.19 -5.51 -19.28
CA HIS B 70 0.43 -5.80 -20.69
C HIS B 70 1.72 -6.60 -20.71
N ASN B 71 1.59 -7.89 -20.96
CA ASN B 71 2.72 -8.80 -20.95
C ASN B 71 3.56 -8.69 -19.68
N ARG B 72 2.89 -8.70 -18.53
CA ARG B 72 3.51 -8.63 -17.18
C ARG B 72 4.02 -7.26 -16.78
N HIS B 73 3.94 -6.27 -17.66
CA HIS B 73 4.22 -4.89 -17.29
C HIS B 73 2.98 -4.13 -16.86
N LEU B 74 3.12 -3.34 -15.81
CA LEU B 74 2.08 -2.40 -15.44
C LEU B 74 2.17 -1.20 -16.33
N GLU B 75 1.01 -0.70 -16.78
CA GLU B 75 0.98 0.48 -17.56
C GLU B 75 -0.11 1.43 -17.04
N PHE B 76 0.33 2.63 -16.70
CA PHE B 76 -0.49 3.72 -16.17
C PHE B 76 -0.66 4.73 -17.28
N ARG B 77 -1.91 5.03 -17.66
CA ARG B 77 -2.23 5.95 -18.75
C ARG B 77 -3.25 6.96 -18.28
N TYR B 78 -3.17 8.17 -18.80
CA TYR B 78 -4.24 9.14 -18.62
C TYR B 78 -4.25 10.14 -19.78
N ASP B 79 -5.43 10.62 -20.11
CA ASP B 79 -5.63 11.62 -21.15
C ASP B 79 -6.42 12.74 -20.49
N LEU B 80 -5.87 13.95 -20.54
CA LEU B 80 -6.44 15.16 -19.93
C LEU B 80 -7.05 16.09 -20.99
N GLY B 81 -7.11 15.60 -22.22
CA GLY B 81 -7.66 16.38 -23.34
C GLY B 81 -6.71 16.61 -24.48
N LYS B 82 -5.44 16.26 -24.31
CA LYS B 82 -4.42 16.48 -25.34
C LYS B 82 -3.69 15.20 -25.74
N GLY B 83 -4.22 14.05 -25.36
CA GLY B 83 -3.56 12.78 -25.64
C GLY B 83 -3.01 12.08 -24.41
N ALA B 84 -2.72 10.79 -24.56
CA ALA B 84 -2.45 9.98 -23.36
C ALA B 84 -1.00 10.00 -22.97
N ALA B 85 -0.73 10.10 -21.67
CA ALA B 85 0.54 9.72 -21.09
C ALA B 85 0.53 8.20 -21.00
N ILE B 86 1.70 7.59 -21.23
CA ILE B 86 1.90 6.14 -21.13
C ILE B 86 3.13 5.90 -20.25
N ILE B 87 2.93 5.41 -19.04
CA ILE B 87 3.97 5.21 -18.07
C ILE B 87 4.00 3.70 -17.77
N ARG B 88 5.05 3.03 -18.19
CA ARG B 88 5.20 1.56 -18.09
C ARG B 88 6.21 1.13 -17.05
N SER B 89 5.89 0.08 -16.28
CA SER B 89 6.86 -0.41 -15.28
C SER B 89 8.16 -0.82 -15.98
N LYS B 90 9.26 -0.58 -15.32
CA LYS B 90 10.58 -0.97 -15.80
C LYS B 90 10.65 -2.47 -16.00
N GLU B 91 10.26 -3.22 -14.95
CA GLU B 91 10.35 -4.68 -14.94
C GLU B 91 9.00 -5.33 -15.17
N PRO B 92 9.02 -6.53 -15.75
CA PRO B 92 7.82 -7.38 -15.71
C PRO B 92 7.64 -7.91 -14.29
N ILE B 93 6.39 -8.07 -13.89
CA ILE B 93 6.08 -8.63 -12.57
C ILE B 93 6.21 -10.14 -12.62
N ALA B 94 6.40 -10.75 -11.44
CA ALA B 94 6.30 -12.20 -11.28
C ALA B 94 4.83 -12.58 -11.11
N LEU B 95 4.31 -13.41 -12.03
CA LEU B 95 2.99 -13.97 -11.84
C LEU B 95 2.93 -14.80 -10.55
N GLY B 96 1.77 -14.78 -9.91
CA GLY B 96 1.52 -15.61 -8.76
C GLY B 96 2.16 -15.09 -7.48
N THR B 97 2.51 -13.79 -7.46
CA THR B 97 3.08 -13.10 -6.30
C THR B 97 2.25 -11.85 -6.02
N TRP B 98 2.30 -11.37 -4.78
CA TRP B 98 1.62 -10.13 -4.44
C TRP B 98 2.49 -8.92 -4.77
N VAL B 99 1.93 -8.01 -5.54
CA VAL B 99 2.67 -6.89 -6.05
C VAL B 99 1.93 -5.62 -5.65
N ARG B 100 2.68 -4.65 -5.18
CA ARG B 100 2.15 -3.36 -4.82
C ARG B 100 2.52 -2.35 -5.89
N VAL B 101 1.55 -1.54 -6.31
CA VAL B 101 1.79 -0.49 -7.30
C VAL B 101 1.19 0.81 -6.77
N PHE B 102 1.91 1.90 -7.01
CA PHE B 102 1.49 3.24 -6.59
C PHE B 102 1.51 4.16 -7.81
N LEU B 103 0.40 4.85 -8.00
CA LEU B 103 0.23 5.77 -9.12
C LEU B 103 0.06 7.15 -8.58
N GLU B 104 0.80 8.08 -9.15
CA GLU B 104 0.69 9.47 -8.74
C GLU B 104 0.55 10.36 -9.96
N ARG B 105 -0.25 11.40 -9.82
CA ARG B 105 -0.33 12.41 -10.87
CA ARG B 105 -0.40 12.40 -10.88
C ARG B 105 -0.49 13.78 -10.24
N ASN B 106 0.27 14.73 -10.78
CA ASN B 106 0.18 16.14 -10.42
C ASN B 106 0.10 16.88 -11.75
N GLY B 107 -1.10 17.31 -12.11
CA GLY B 107 -1.35 17.90 -13.38
C GLY B 107 -1.01 16.94 -14.52
N ARG B 108 -0.12 17.37 -15.40
CA ARG B 108 0.36 16.53 -16.53
C ARG B 108 1.36 15.47 -16.09
N LYS B 109 1.97 15.65 -14.91
CA LYS B 109 3.13 14.87 -14.56
C LYS B 109 2.71 13.63 -13.77
N GLY B 110 3.18 12.48 -14.20
CA GLY B 110 2.84 11.21 -13.56
C GLY B 110 4.02 10.38 -13.11
N ALA B 111 3.75 9.46 -12.20
CA ALA B 111 4.75 8.54 -11.70
C ALA B 111 4.09 7.21 -11.41
N LEU B 112 4.84 6.15 -11.62
CA LEU B 112 4.45 4.77 -11.33
C LEU B 112 5.58 4.14 -10.55
N GLN B 113 5.21 3.48 -9.46
CA GLN B 113 6.17 2.75 -8.63
C GLN B 113 5.65 1.36 -8.40
N VAL B 114 6.47 0.38 -8.67
CA VAL B 114 6.18 -1.01 -8.31
C VAL B 114 7.04 -1.39 -7.13
N GLY B 115 6.41 -1.86 -6.06
CA GLY B 115 7.15 -2.13 -4.81
C GLY B 115 7.87 -0.90 -4.32
N ASP B 116 9.17 -1.04 -4.06
CA ASP B 116 9.97 0.06 -3.57
C ASP B 116 10.97 0.49 -4.63
N GLY B 117 10.70 0.08 -5.87
CA GLY B 117 11.57 0.32 -7.00
C GLY B 117 11.62 1.79 -7.36
N PRO B 118 12.58 2.19 -8.20
CA PRO B 118 12.58 3.58 -8.63
C PRO B 118 11.29 3.92 -9.35
N ARG B 119 10.79 5.12 -9.11
CA ARG B 119 9.65 5.62 -9.87
C ARG B 119 9.97 5.78 -11.34
N VAL B 120 9.02 5.37 -12.18
CA VAL B 120 9.04 5.67 -13.58
C VAL B 120 8.19 6.92 -13.79
N LEU B 121 8.75 7.89 -14.47
CA LEU B 121 8.07 9.14 -14.75
C LEU B 121 7.61 9.30 -16.20
N GLY B 122 6.54 10.10 -16.38
CA GLY B 122 6.06 10.44 -17.73
C GLY B 122 5.13 11.61 -17.60
N GLU B 123 4.64 12.05 -18.74
CA GLU B 123 3.68 13.16 -18.79
C GLU B 123 2.83 13.14 -20.02
N SER B 124 1.64 13.71 -19.86
CA SER B 124 0.76 13.95 -21.00
C SER B 124 1.11 15.33 -21.67
N PRO B 125 0.68 15.56 -22.92
CA PRO B 125 1.19 16.74 -23.61
C PRO B 125 0.60 18.08 -23.16
N VAL B 126 1.38 19.10 -23.42
CA VAL B 126 1.05 20.47 -23.05
CA VAL B 126 1.04 20.46 -23.05
C VAL B 126 -0.12 21.10 -23.78
N PRO B 127 -1.17 21.45 -23.00
CA PRO B 127 -1.26 22.47 -21.99
C PRO B 127 -2.16 21.82 -20.91
N HIS B 128 -3.01 20.84 -21.30
CA HIS B 128 -4.08 20.34 -20.41
C HIS B 128 -3.51 19.64 -19.21
N THR B 129 -4.04 19.99 -18.04
CA THR B 129 -3.50 19.50 -16.76
C THR B 129 -4.56 18.85 -15.89
N MET B 130 -5.82 18.86 -16.28
CA MET B 130 -6.88 18.43 -15.40
CA MET B 130 -6.88 18.42 -15.40
C MET B 130 -7.76 17.36 -16.06
N LEU B 131 -8.17 16.40 -15.26
CA LEU B 131 -8.92 15.23 -15.67
C LEU B 131 -10.39 15.42 -15.35
N ASN B 132 -11.26 15.25 -16.34
CA ASN B 132 -12.71 15.39 -16.19
C ASN B 132 -13.38 14.02 -16.23
N LEU B 133 -13.62 13.46 -15.06
CA LEU B 133 -14.22 12.15 -14.92
C LEU B 133 -15.69 12.27 -14.54
N LYS B 134 -16.51 11.45 -15.19
CA LYS B 134 -17.96 11.35 -14.93
C LYS B 134 -18.48 9.93 -14.76
N GLU B 135 -17.80 8.94 -15.30
CA GLU B 135 -18.35 7.60 -15.42
C GLU B 135 -17.98 6.82 -14.17
N PRO B 136 -18.54 5.59 -14.01
CA PRO B 136 -18.15 4.83 -12.83
C PRO B 136 -16.70 4.39 -12.95
N LEU B 137 -16.16 4.02 -11.79
CA LEU B 137 -14.82 3.37 -11.72
C LEU B 137 -14.94 1.88 -11.94
N TYR B 138 -14.16 1.36 -12.86
CA TYR B 138 -14.13 -0.07 -13.12
C TYR B 138 -12.85 -0.64 -12.55
N VAL B 139 -12.96 -1.78 -11.87
CA VAL B 139 -11.77 -2.47 -11.41
CA VAL B 139 -11.81 -2.50 -11.33
C VAL B 139 -11.80 -3.94 -11.84
N GLY B 140 -10.67 -4.36 -12.36
CA GLY B 140 -10.46 -5.74 -12.77
C GLY B 140 -11.00 -6.13 -14.12
N GLY B 141 -11.68 -5.23 -14.80
CA GLY B 141 -12.31 -5.51 -16.05
C GLY B 141 -13.36 -4.44 -16.32
N ALA B 142 -14.19 -4.67 -17.33
CA ALA B 142 -15.27 -3.74 -17.69
C ALA B 142 -16.38 -4.50 -18.44
N PRO B 143 -17.62 -3.97 -18.39
CA PRO B 143 -18.69 -4.67 -19.05
C PRO B 143 -18.58 -4.67 -20.59
N ASP B 144 -18.02 -3.61 -21.14
CA ASP B 144 -17.95 -3.43 -22.61
C ASP B 144 -16.69 -2.64 -22.97
N PHE B 145 -15.69 -3.35 -23.50
CA PHE B 145 -14.41 -2.74 -23.86
C PHE B 145 -14.52 -1.75 -25.02
N SER B 146 -15.57 -1.86 -25.85
CA SER B 146 -15.79 -0.87 -26.92
C SER B 146 -16.26 0.51 -26.40
N LYS B 147 -16.68 0.60 -25.14
CA LYS B 147 -17.12 1.87 -24.55
C LYS B 147 -15.96 2.53 -23.78
N LEU B 148 -14.78 1.92 -23.79
CA LEU B 148 -13.61 2.54 -23.13
C LEU B 148 -12.84 3.45 -24.09
N ALA B 149 -12.14 4.46 -23.58
CA ALA B 149 -11.28 5.29 -24.42
C ALA B 149 -10.27 4.45 -25.18
N ARG B 150 -10.16 4.68 -26.49
CA ARG B 150 -9.20 3.93 -27.30
C ARG B 150 -7.78 4.13 -26.77
N GLY B 151 -7.51 5.31 -26.24
CA GLY B 151 -6.19 5.65 -25.75
C GLY B 151 -5.74 4.80 -24.59
N ALA B 152 -6.68 4.08 -23.95
CA ALA B 152 -6.32 3.17 -22.85
C ALA B 152 -5.63 1.90 -23.35
N ALA B 153 -5.87 1.55 -24.60
CA ALA B 153 -5.21 0.40 -25.20
C ALA B 153 -5.43 -0.89 -24.39
N VAL B 154 -6.66 -1.11 -23.95
CA VAL B 154 -7.01 -2.32 -23.21
CA VAL B 154 -6.99 -2.32 -23.21
C VAL B 154 -8.12 -3.05 -23.93
N ALA B 155 -8.10 -4.37 -23.84
CA ALA B 155 -9.08 -5.19 -24.56
C ALA B 155 -9.68 -6.34 -23.73
N SER B 156 -9.18 -6.59 -22.53
CA SER B 156 -9.66 -7.69 -21.73
C SER B 156 -9.52 -7.39 -20.27
N GLY B 157 -10.23 -8.16 -19.44
CA GLY B 157 -10.16 -8.05 -17.98
C GLY B 157 -9.00 -8.83 -17.40
N PHE B 158 -8.73 -8.56 -16.09
CA PHE B 158 -7.70 -9.11 -15.27
C PHE B 158 -8.01 -10.54 -14.88
N ASP B 159 -7.01 -11.40 -14.89
CA ASP B 159 -7.14 -12.72 -14.32
C ASP B 159 -6.20 -12.74 -13.10
N GLY B 160 -6.78 -12.58 -11.94
CA GLY B 160 -6.00 -12.55 -10.71
C GLY B 160 -6.83 -11.99 -9.59
N ALA B 161 -6.18 -11.72 -8.45
CA ALA B 161 -6.83 -11.19 -7.28
C ALA B 161 -6.35 -9.78 -6.93
N ILE B 162 -7.24 -8.99 -6.34
CA ILE B 162 -6.91 -7.63 -5.88
C ILE B 162 -7.20 -7.56 -4.41
N GLN B 163 -6.17 -7.24 -3.66
CA GLN B 163 -6.27 -7.18 -2.19
C GLN B 163 -6.79 -5.84 -1.71
N LEU B 164 -6.42 -4.78 -2.40
CA LEU B 164 -6.85 -3.46 -1.98
C LEU B 164 -6.68 -2.48 -3.11
N VAL B 165 -7.53 -1.47 -3.09
CA VAL B 165 -7.37 -0.26 -3.90
C VAL B 165 -7.67 0.92 -2.99
N SER B 166 -6.76 1.88 -2.95
CA SER B 166 -6.94 3.04 -2.10
C SER B 166 -6.65 4.37 -2.79
N LEU B 167 -7.39 5.40 -2.39
CA LEU B 167 -7.26 6.77 -2.94
C LEU B 167 -7.40 7.76 -1.78
N HIS B 170 -9.28 6.38 1.45
CA HIS B 170 -10.46 5.58 1.18
C HIS B 170 -10.01 4.23 0.67
N GLN B 171 -10.54 3.19 1.28
CA GLN B 171 -10.56 1.83 0.73
C GLN B 171 -11.67 1.75 -0.29
N LEU B 172 -11.33 1.56 -1.55
CA LEU B 172 -12.36 1.51 -2.57
C LEU B 172 -13.05 0.16 -2.66
N LEU B 173 -12.37 -0.93 -2.29
CA LEU B 173 -13.01 -2.25 -2.32
C LEU B 173 -13.79 -2.47 -1.03
N THR B 174 -14.95 -1.82 -0.96
CA THR B 174 -15.88 -2.00 0.16
C THR B 174 -17.27 -2.05 -0.42
N GLN B 175 -18.17 -2.76 0.26
CA GLN B 175 -19.49 -3.04 -0.27
C GLN B 175 -20.27 -1.74 -0.53
N GLU B 176 -20.00 -0.72 0.29
CA GLU B 176 -20.64 0.59 0.19
C GLU B 176 -20.47 1.22 -1.21
N HIS B 177 -19.31 0.97 -1.82
CA HIS B 177 -18.93 1.62 -3.08
C HIS B 177 -19.28 0.78 -4.28
N VAL B 178 -19.64 -0.47 -4.05
CA VAL B 178 -19.93 -1.39 -5.15
C VAL B 178 -21.31 -1.17 -5.72
N LEU B 179 -21.37 -0.77 -6.99
CA LEU B 179 -22.62 -0.66 -7.73
C LEU B 179 -22.97 -2.04 -8.33
N ARG B 180 -21.98 -2.69 -8.92
CA ARG B 180 -22.19 -4.01 -9.50
C ARG B 180 -20.91 -4.81 -9.42
N ALA B 181 -21.04 -6.10 -9.11
CA ALA B 181 -19.92 -7.06 -9.10
C ALA B 181 -20.28 -8.23 -9.98
N VAL B 182 -19.57 -8.40 -11.10
CA VAL B 182 -19.92 -9.43 -12.04
C VAL B 182 -18.81 -10.45 -12.04
N ASP B 183 -19.17 -11.67 -11.64
CA ASP B 183 -18.28 -12.82 -11.59
CA ASP B 183 -18.27 -12.81 -11.62
C ASP B 183 -17.02 -12.57 -10.77
N VAL B 184 -17.20 -11.92 -9.62
CA VAL B 184 -16.12 -11.60 -8.73
C VAL B 184 -16.29 -12.50 -7.55
N ALA B 185 -15.25 -13.26 -7.22
CA ALA B 185 -15.28 -14.18 -6.11
C ALA B 185 -14.42 -13.67 -4.96
N PRO B 186 -14.77 -14.06 -3.73
CA PRO B 186 -13.91 -13.72 -2.59
C PRO B 186 -12.61 -14.52 -2.59
#